data_1DRT
#
_entry.id   1DRT
#
_cell.length_a   65.480
_cell.length_b   68.640
_cell.length_c   69.500
_cell.angle_alpha   90.00
_cell.angle_beta   90.00
_cell.angle_gamma   90.00
#
_symmetry.space_group_name_H-M   'P 21 21 21'
#
loop_
_entity.id
_entity.type
_entity.pdbx_description
1 polymer 'CLAVAMINATE SYNTHASE 1'
2 non-polymer '5-AMINO-3-HYDROXY-2-(2-OXO-AZETIDIN-1-YL)-PENTANOIC ACID'
3 non-polymer 'FE (II) ION'
4 non-polymer '2-OXOGLUTARIC ACID'
5 water water
#
_entity_poly.entity_id   1
_entity_poly.type   'polypeptide(L)'
_entity_poly.pdbx_seq_one_letter_code
;MTSVDCTAYGPELRALAARLPRTPRADLYAFLDAAHTAAASLPGALATALDTFNAEGSEDGHLLLRGLPVEADADLPTTP
SSTPAPEDRSLLTMEAMLGLVGRRLGLHTGYRELRSGTVYHDVYPSPGAHHLSSETSETLLEFHTEMAYHRLQPNYVMLA
CSRADHERTAATLVASVRKALPLLDERTRARLLDRRMPCCVDVAFRGGVDDPGAIAQVKPLYGDADDPFLGYDRELLAPE
DPADKEAVAALSKALDEVTEAVYLEPGDLLIVDNFRTTHARTPFSPRWDGKDRWLHRVYIRTDRNGQLSGGERAGDVVAF
TPRG
;
_entity_poly.pdbx_strand_id   A
#
loop_
_chem_comp.id
_chem_comp.type
_chem_comp.name
_chem_comp.formula
AKG non-polymer '2-OXOGLUTARIC ACID' 'C5 H6 O5'
FE2 non-polymer 'FE (II) ION' 'Fe 2'
PCV non-polymer '5-AMINO-3-HYDROXY-2-(2-OXO-AZETIDIN-1-YL)-PENTANOIC ACID' 'C8 H14 N2 O4'
#
# COMPACT_ATOMS: atom_id res chain seq x y z
N THR A 2 -4.08 4.17 -13.03
CA THR A 2 -3.99 5.58 -13.51
C THR A 2 -2.62 6.16 -13.17
N SER A 3 -2.01 6.83 -14.14
CA SER A 3 -0.70 7.41 -13.95
C SER A 3 -0.68 8.92 -14.11
N VAL A 4 0.24 9.56 -13.39
CA VAL A 4 0.42 11.00 -13.46
C VAL A 4 1.90 11.31 -13.55
N ASP A 5 2.32 11.91 -14.66
CA ASP A 5 3.73 12.26 -14.83
C ASP A 5 3.96 13.53 -14.00
N CYS A 6 4.77 13.41 -12.96
CA CYS A 6 5.05 14.55 -12.07
C CYS A 6 6.37 15.28 -12.38
N THR A 7 7.09 14.82 -13.39
CA THR A 7 8.35 15.43 -13.76
C THR A 7 8.39 16.95 -13.66
N ALA A 8 7.42 17.62 -14.26
CA ALA A 8 7.41 19.08 -14.25
C ALA A 8 7.18 19.71 -12.88
N TYR A 9 6.90 18.88 -11.88
CA TYR A 9 6.68 19.38 -10.53
C TYR A 9 7.95 19.24 -9.70
N GLY A 10 9.00 18.72 -10.30
CA GLY A 10 10.24 18.53 -9.57
C GLY A 10 10.57 19.68 -8.61
N PRO A 11 10.82 20.89 -9.16
CA PRO A 11 11.14 22.08 -8.37
C PRO A 11 10.16 22.39 -7.24
N GLU A 12 8.88 22.55 -7.58
CA GLU A 12 7.88 22.85 -6.57
C GLU A 12 7.79 21.78 -5.49
N LEU A 13 7.96 20.52 -5.87
CA LEU A 13 7.89 19.43 -4.90
C LEU A 13 9.15 19.35 -4.05
N ARG A 14 10.31 19.65 -4.63
CA ARG A 14 11.58 19.64 -3.89
C ARG A 14 11.51 20.74 -2.84
N ALA A 15 10.76 21.79 -3.15
CA ALA A 15 10.59 22.92 -2.26
C ALA A 15 9.73 22.52 -1.07
N LEU A 16 8.52 22.02 -1.37
CA LEU A 16 7.59 21.59 -0.32
C LEU A 16 8.26 20.58 0.59
N ALA A 17 9.09 19.70 0.02
CA ALA A 17 9.80 18.69 0.79
C ALA A 17 10.76 19.32 1.79
N ALA A 18 11.32 20.48 1.42
CA ALA A 18 12.26 21.18 2.29
C ALA A 18 11.56 21.84 3.48
N ARG A 19 10.24 21.95 3.42
CA ARG A 19 9.49 22.55 4.51
C ARG A 19 9.46 21.60 5.70
N LEU A 20 9.53 20.31 5.40
CA LEU A 20 9.44 19.27 6.43
C LEU A 20 10.68 19.05 7.27
N PRO A 21 10.50 18.73 8.56
CA PRO A 21 11.60 18.48 9.50
C PRO A 21 12.53 17.42 8.89
N ARG A 22 13.83 17.55 9.12
CA ARG A 22 14.79 16.60 8.53
C ARG A 22 14.94 15.27 9.28
N THR A 23 14.36 15.17 10.47
CA THR A 23 14.43 13.93 11.24
C THR A 23 12.99 13.59 11.63
N PRO A 24 12.22 13.07 10.67
CA PRO A 24 10.80 12.70 10.84
C PRO A 24 10.42 11.84 12.04
N ARG A 25 11.14 10.74 12.24
CA ARG A 25 10.83 9.83 13.35
C ARG A 25 11.09 10.37 14.75
N ALA A 26 11.86 11.45 14.86
CA ALA A 26 12.17 12.04 16.16
C ALA A 26 10.92 12.71 16.74
N ASP A 27 10.01 13.09 15.84
CA ASP A 27 8.76 13.74 16.19
C ASP A 27 7.88 13.61 14.96
N LEU A 28 7.32 12.41 14.79
CA LEU A 28 6.49 12.11 13.63
C LEU A 28 5.20 12.91 13.55
N TYR A 29 4.56 13.17 14.68
CA TYR A 29 3.33 13.94 14.68
C TYR A 29 3.61 15.32 14.12
N ALA A 30 4.71 15.93 14.56
CA ALA A 30 5.09 17.27 14.09
C ALA A 30 5.46 17.24 12.61
N PHE A 31 6.12 16.16 12.19
CA PHE A 31 6.54 16.00 10.80
C PHE A 31 5.31 15.87 9.90
N LEU A 32 4.39 14.99 10.27
CA LEU A 32 3.18 14.77 9.48
C LEU A 32 2.30 16.02 9.46
N ASP A 33 2.25 16.72 10.57
CA ASP A 33 1.46 17.94 10.65
C ASP A 33 2.03 18.94 9.64
N ALA A 34 3.35 19.06 9.62
CA ALA A 34 4.00 19.98 8.69
C ALA A 34 3.73 19.54 7.24
N ALA A 35 3.67 18.23 7.02
CA ALA A 35 3.39 17.72 5.68
C ALA A 35 1.95 18.00 5.28
N HIS A 36 1.06 18.04 6.27
CA HIS A 36 -0.33 18.32 5.97
C HIS A 36 -0.45 19.77 5.50
N THR A 37 0.32 20.65 6.14
CA THR A 37 0.29 22.05 5.77
C THR A 37 0.85 22.22 4.36
N ALA A 38 1.98 21.60 4.10
CA ALA A 38 2.58 21.70 2.79
C ALA A 38 1.70 21.05 1.71
N ALA A 39 0.95 20.02 2.10
CA ALA A 39 0.08 19.33 1.14
C ALA A 39 -0.96 20.25 0.51
N ALA A 40 -1.30 21.32 1.22
CA ALA A 40 -2.28 22.29 0.71
C ALA A 40 -1.67 23.06 -0.46
N SER A 41 -0.34 23.03 -0.57
CA SER A 41 0.35 23.73 -1.64
C SER A 41 0.83 22.85 -2.79
N LEU A 42 0.23 21.67 -2.93
CA LEU A 42 0.61 20.76 -4.01
C LEU A 42 0.11 21.34 -5.34
N PRO A 43 0.88 21.16 -6.42
CA PRO A 43 0.46 21.69 -7.72
C PRO A 43 -0.99 21.31 -7.99
N GLY A 44 -1.78 22.33 -8.32
CA GLY A 44 -3.20 22.14 -8.59
C GLY A 44 -3.57 20.84 -9.27
N ALA A 45 -2.97 20.58 -10.42
CA ALA A 45 -3.25 19.36 -11.17
C ALA A 45 -3.06 18.12 -10.29
N LEU A 46 -1.89 18.00 -9.68
CA LEU A 46 -1.58 16.86 -8.83
C LEU A 46 -2.61 16.77 -7.70
N ALA A 47 -2.88 17.91 -7.07
CA ALA A 47 -3.83 17.95 -5.97
C ALA A 47 -5.20 17.42 -6.41
N THR A 48 -5.64 17.85 -7.60
CA THR A 48 -6.92 17.43 -8.13
C THR A 48 -6.95 15.93 -8.36
N ALA A 49 -5.90 15.41 -9.00
CA ALA A 49 -5.81 13.99 -9.26
C ALA A 49 -5.92 13.23 -7.95
N LEU A 50 -5.17 13.68 -6.95
CA LEU A 50 -5.18 13.02 -5.65
C LEU A 50 -6.55 13.06 -5.01
N ASP A 51 -7.19 14.24 -5.03
CA ASP A 51 -8.52 14.39 -4.45
C ASP A 51 -9.56 13.55 -5.20
N THR A 52 -9.47 13.54 -6.52
CA THR A 52 -10.41 12.77 -7.33
C THR A 52 -10.25 11.27 -7.05
N PHE A 53 -9.01 10.80 -7.02
CA PHE A 53 -8.74 9.40 -6.75
C PHE A 53 -9.14 9.02 -5.33
N ASN A 54 -8.98 9.96 -4.40
CA ASN A 54 -9.33 9.72 -3.02
C ASN A 54 -10.85 9.55 -2.88
N ALA A 55 -11.61 10.34 -3.62
CA ALA A 55 -13.08 10.27 -3.53
C ALA A 55 -13.73 9.22 -4.42
N GLU A 56 -13.27 9.11 -5.66
CA GLU A 56 -13.83 8.18 -6.63
C GLU A 56 -13.10 6.86 -6.83
N GLY A 57 -11.82 6.82 -6.52
CA GLY A 57 -11.07 5.61 -6.74
C GLY A 57 -10.91 5.59 -8.25
N SER A 58 -10.57 4.44 -8.82
CA SER A 58 -10.42 4.34 -10.28
C SER A 58 -10.79 2.94 -10.69
N GLU A 59 -10.99 2.74 -12.00
CA GLU A 59 -11.35 1.42 -12.50
C GLU A 59 -10.21 0.43 -12.29
N ASP A 60 -8.96 0.89 -12.43
CA ASP A 60 -7.82 0.00 -12.25
C ASP A 60 -7.32 -0.03 -10.80
N GLY A 61 -8.00 0.74 -9.94
CA GLY A 61 -7.66 0.76 -8.52
C GLY A 61 -6.29 1.16 -8.02
N HIS A 62 -5.64 2.09 -8.71
CA HIS A 62 -4.34 2.57 -8.26
C HIS A 62 -3.97 3.84 -8.99
N LEU A 63 -3.15 4.66 -8.35
CA LEU A 63 -2.70 5.90 -8.95
C LEU A 63 -1.19 5.90 -8.85
N LEU A 64 -0.54 5.85 -10.00
CA LEU A 64 0.91 5.85 -10.03
C LEU A 64 1.41 7.26 -10.33
N LEU A 65 2.21 7.81 -9.42
CA LEU A 65 2.78 9.13 -9.62
C LEU A 65 4.19 8.85 -10.11
N ARG A 66 4.49 9.25 -11.34
CA ARG A 66 5.80 9.01 -11.91
C ARG A 66 6.67 10.25 -11.90
N GLY A 67 7.98 10.03 -11.94
CA GLY A 67 8.93 11.13 -12.00
C GLY A 67 8.96 12.10 -10.84
N LEU A 68 8.66 11.63 -9.63
CA LEU A 68 8.70 12.52 -8.49
C LEU A 68 10.18 12.72 -8.19
N PRO A 69 10.54 13.80 -7.50
CA PRO A 69 11.97 13.95 -7.22
C PRO A 69 12.51 12.82 -6.33
N VAL A 70 13.76 12.45 -6.54
CA VAL A 70 14.42 11.40 -5.76
C VAL A 70 15.92 11.61 -5.85
N GLU A 71 16.65 11.26 -4.79
CA GLU A 71 18.09 11.43 -4.78
C GLU A 71 18.77 10.56 -5.83
N ALA A 72 19.89 11.06 -6.36
CA ALA A 72 20.67 10.29 -7.32
C ALA A 72 21.02 9.05 -6.52
N ASP A 73 21.23 7.92 -7.19
CA ASP A 73 21.53 6.71 -6.45
C ASP A 73 22.75 6.81 -5.53
N ALA A 74 23.76 7.56 -5.94
CA ALA A 74 24.97 7.70 -5.15
C ALA A 74 24.74 8.57 -3.92
N ASP A 75 23.64 9.31 -3.92
CA ASP A 75 23.32 10.18 -2.80
C ASP A 75 22.39 9.51 -1.79
N LEU A 76 21.93 8.31 -2.12
CA LEU A 76 21.05 7.55 -1.22
C LEU A 76 21.92 6.74 -0.26
N PRO A 77 21.42 6.50 0.96
CA PRO A 77 22.21 5.72 1.92
C PRO A 77 22.31 4.29 1.37
N THR A 78 23.03 3.41 2.06
CA THR A 78 23.12 2.03 1.62
C THR A 78 21.73 1.47 1.85
N THR A 79 21.29 0.56 0.99
CA THR A 79 19.98 -0.04 1.17
C THR A 79 19.95 -0.68 2.57
N PRO A 80 18.91 -0.39 3.36
CA PRO A 80 18.78 -0.92 4.72
C PRO A 80 18.90 -2.45 4.74
N SER A 81 19.50 -2.98 5.80
CA SER A 81 19.66 -4.42 5.94
C SER A 81 18.84 -4.94 7.11
N SER A 82 18.07 -4.04 7.72
CA SER A 82 17.26 -4.45 8.87
C SER A 82 16.17 -3.44 9.22
N THR A 83 15.23 -3.90 10.03
CA THR A 83 14.12 -3.09 10.49
C THR A 83 14.08 -3.26 12.01
N PRO A 84 13.61 -2.24 12.75
CA PRO A 84 13.13 -0.92 12.33
C PRO A 84 14.27 0.04 11.96
N ALA A 85 13.92 1.14 11.29
CA ALA A 85 14.90 2.13 10.88
C ALA A 85 15.33 3.00 12.05
N PRO A 86 16.55 3.57 12.00
CA PRO A 86 17.01 4.41 13.11
C PRO A 86 16.11 5.64 13.21
N GLU A 87 15.64 5.93 14.41
CA GLU A 87 14.76 7.08 14.61
C GLU A 87 15.46 8.35 14.12
N ASP A 88 16.78 8.34 14.16
CA ASP A 88 17.60 9.49 13.76
C ASP A 88 17.87 9.62 12.25
N ARG A 89 17.43 8.64 11.46
CA ARG A 89 17.67 8.68 10.02
C ARG A 89 17.14 9.95 9.34
N SER A 90 18.02 10.64 8.61
CA SER A 90 17.65 11.86 7.91
C SER A 90 16.58 11.57 6.88
N LEU A 91 15.74 12.57 6.64
CA LEU A 91 14.64 12.46 5.68
C LEU A 91 15.07 12.22 4.23
N LEU A 92 14.46 11.20 3.61
CA LEU A 92 14.73 10.88 2.22
C LEU A 92 13.60 11.53 1.42
N THR A 93 13.92 12.01 0.21
CA THR A 93 12.92 12.69 -0.61
C THR A 93 11.65 11.89 -0.90
N MET A 94 11.78 10.60 -1.20
CA MET A 94 10.61 9.80 -1.48
C MET A 94 9.76 9.67 -0.23
N GLU A 95 10.40 9.79 0.92
CA GLU A 95 9.70 9.73 2.20
C GLU A 95 8.93 11.03 2.37
N ALA A 96 9.54 12.11 1.92
CA ALA A 96 8.94 13.43 1.98
C ALA A 96 7.67 13.41 1.14
N MET A 97 7.78 12.82 -0.05
CA MET A 97 6.68 12.71 -0.99
C MET A 97 5.56 11.88 -0.38
N LEU A 98 5.93 10.82 0.34
CA LEU A 98 4.94 9.96 0.99
C LEU A 98 4.24 10.74 2.09
N GLY A 99 4.93 11.74 2.64
CA GLY A 99 4.34 12.56 3.68
C GLY A 99 3.35 13.54 3.08
N LEU A 100 3.80 14.27 2.07
CA LEU A 100 2.97 15.24 1.38
C LEU A 100 1.73 14.58 0.77
N VAL A 101 1.95 13.67 -0.17
CA VAL A 101 0.85 12.97 -0.82
C VAL A 101 0.01 12.20 0.18
N GLY A 102 0.67 11.60 1.18
CA GLY A 102 -0.03 10.85 2.18
C GLY A 102 -1.04 11.68 2.96
N ARG A 103 -0.63 12.84 3.48
CA ARG A 103 -1.57 13.69 4.25
C ARG A 103 -2.64 14.31 3.37
N ARG A 104 -2.38 14.37 2.06
CA ARG A 104 -3.36 14.91 1.14
C ARG A 104 -4.56 13.95 1.11
N LEU A 105 -4.27 12.66 1.23
CA LEU A 105 -5.31 11.63 1.19
C LEU A 105 -5.90 11.27 2.55
N GLY A 106 -5.06 11.17 3.57
CA GLY A 106 -5.55 10.80 4.89
C GLY A 106 -4.51 10.76 5.98
N LEU A 107 -4.69 9.85 6.93
CA LEU A 107 -3.78 9.73 8.06
C LEU A 107 -2.87 8.51 8.05
N HIS A 108 -1.55 8.75 8.09
CA HIS A 108 -0.58 7.67 8.12
C HIS A 108 -0.87 6.90 9.38
N THR A 109 -0.97 5.58 9.28
CA THR A 109 -1.27 4.78 10.45
C THR A 109 -0.29 3.64 10.68
N GLY A 110 0.17 3.53 11.94
CA GLY A 110 1.08 2.47 12.33
C GLY A 110 0.25 1.34 12.92
N TYR A 111 0.75 0.12 12.83
CA TYR A 111 0.05 -1.04 13.36
C TYR A 111 0.98 -1.72 14.36
N ARG A 112 0.71 -1.47 15.64
CA ARG A 112 1.51 -1.97 16.75
C ARG A 112 2.26 -3.28 16.58
N GLU A 113 1.54 -4.36 16.31
CA GLU A 113 2.17 -5.68 16.16
C GLU A 113 3.00 -5.81 14.89
N LEU A 114 2.93 -4.81 14.02
CA LEU A 114 3.65 -4.83 12.77
C LEU A 114 4.83 -3.87 12.73
N ARG A 115 6.00 -4.41 12.41
CA ARG A 115 7.22 -3.63 12.30
C ARG A 115 7.47 -2.69 13.48
N SER A 116 7.46 -3.26 14.68
CA SER A 116 7.72 -2.49 15.90
C SER A 116 6.72 -1.35 16.11
N GLY A 117 5.62 -1.39 15.37
CA GLY A 117 4.63 -0.33 15.50
C GLY A 117 5.04 0.97 14.83
N THR A 118 5.98 0.87 13.88
CA THR A 118 6.46 2.03 13.15
C THR A 118 5.51 2.41 12.00
N VAL A 119 5.66 3.62 11.49
CA VAL A 119 4.80 4.12 10.42
C VAL A 119 5.47 4.03 9.03
N TYR A 120 6.72 4.50 8.92
CA TYR A 120 7.44 4.41 7.65
C TYR A 120 8.15 3.06 7.57
N HIS A 121 7.78 2.23 6.60
CA HIS A 121 8.38 0.92 6.47
C HIS A 121 9.31 0.80 5.28
N ASP A 122 10.51 0.29 5.53
CA ASP A 122 11.47 0.09 4.46
C ASP A 122 11.20 -1.30 3.89
N VAL A 123 10.97 -1.36 2.58
CA VAL A 123 10.71 -2.64 1.93
C VAL A 123 11.90 -2.99 1.05
N TYR A 124 12.78 -3.82 1.59
CA TYR A 124 13.99 -4.29 0.91
C TYR A 124 14.02 -5.79 1.09
N PRO A 125 14.81 -6.50 0.28
CA PRO A 125 14.88 -7.96 0.42
C PRO A 125 15.90 -8.36 1.48
N SER A 126 15.59 -9.42 2.22
CA SER A 126 16.51 -9.90 3.23
C SER A 126 16.63 -11.41 3.09
N PRO A 127 17.80 -11.98 3.44
CA PRO A 127 18.06 -13.42 3.35
C PRO A 127 17.03 -14.28 4.08
N GLY A 128 16.80 -15.47 3.54
CA GLY A 128 15.86 -16.41 4.13
C GLY A 128 14.52 -15.84 4.60
N ALA A 129 14.00 -14.88 3.85
CA ALA A 129 12.73 -14.23 4.18
C ALA A 129 11.53 -15.19 4.21
N HIS A 130 10.53 -14.84 5.00
CA HIS A 130 9.32 -15.65 5.12
C HIS A 130 8.52 -15.46 3.83
N HIS A 131 7.83 -16.51 3.39
CA HIS A 131 7.08 -16.47 2.15
C HIS A 131 5.99 -15.40 2.02
N LEU A 132 5.42 -14.96 3.14
CA LEU A 132 4.39 -13.92 3.13
C LEU A 132 4.94 -12.54 3.48
N SER A 133 6.26 -12.40 3.41
CA SER A 133 6.95 -11.16 3.76
C SER A 133 7.33 -10.26 2.57
N SER A 134 7.42 -8.96 2.86
CA SER A 134 7.80 -7.97 1.85
C SER A 134 9.29 -8.15 1.60
N GLU A 135 9.93 -8.93 2.46
CA GLU A 135 11.36 -9.20 2.36
C GLU A 135 11.69 -10.31 1.37
N THR A 136 10.65 -10.93 0.80
CA THR A 136 10.87 -11.99 -0.17
C THR A 136 11.35 -11.32 -1.46
N SER A 137 11.94 -12.13 -2.34
CA SER A 137 12.43 -11.62 -3.60
C SER A 137 12.33 -12.74 -4.64
N GLU A 138 13.08 -13.82 -4.40
CA GLU A 138 13.09 -14.97 -5.29
C GLU A 138 11.72 -15.64 -5.41
N THR A 139 10.92 -15.55 -4.36
CA THR A 139 9.59 -16.16 -4.42
C THR A 139 8.50 -15.11 -4.61
N LEU A 140 7.53 -15.43 -5.48
CA LEU A 140 6.42 -14.53 -5.76
C LEU A 140 5.65 -14.17 -4.49
N LEU A 141 5.40 -12.87 -4.31
CA LEU A 141 4.63 -12.40 -3.17
C LEU A 141 3.17 -12.40 -3.62
N GLU A 142 2.49 -13.51 -3.35
CA GLU A 142 1.09 -13.75 -3.72
C GLU A 142 0.10 -12.60 -3.47
N PHE A 143 -0.87 -12.47 -4.37
CA PHE A 143 -1.91 -11.45 -4.26
C PHE A 143 -2.48 -11.33 -2.85
N HIS A 144 -2.63 -10.09 -2.38
CA HIS A 144 -3.18 -9.83 -1.05
C HIS A 144 -3.67 -8.40 -0.86
N THR A 145 -4.84 -8.28 -0.24
CA THR A 145 -5.42 -6.99 0.09
C THR A 145 -4.82 -6.76 1.47
N GLU A 146 -3.89 -5.82 1.57
CA GLU A 146 -3.19 -5.54 2.83
C GLU A 146 -4.07 -5.54 4.07
N MET A 147 -3.78 -6.45 4.98
CA MET A 147 -4.50 -6.57 6.26
C MET A 147 -6.03 -6.58 6.12
N ALA A 148 -6.52 -7.35 5.15
CA ALA A 148 -7.97 -7.43 4.91
C ALA A 148 -8.74 -7.96 6.11
N TYR A 149 -8.04 -8.68 6.97
CA TYR A 149 -8.61 -9.31 8.16
C TYR A 149 -8.62 -8.40 9.40
N HIS A 150 -8.02 -7.21 9.26
CA HIS A 150 -7.91 -6.24 10.34
C HIS A 150 -9.09 -5.28 10.30
N ARG A 151 -9.65 -4.96 11.46
CA ARG A 151 -10.79 -4.04 11.53
C ARG A 151 -10.38 -2.64 11.10
N LEU A 152 -9.15 -2.24 11.45
CA LEU A 152 -8.65 -0.92 11.10
C LEU A 152 -7.78 -0.99 9.85
N GLN A 153 -8.18 -1.86 8.92
CA GLN A 153 -7.47 -2.03 7.65
C GLN A 153 -7.36 -0.64 7.04
N PRO A 154 -6.19 -0.26 6.50
CA PRO A 154 -6.10 1.08 5.92
C PRO A 154 -6.73 1.14 4.52
N ASN A 155 -7.27 2.31 4.17
CA ASN A 155 -7.90 2.49 2.86
C ASN A 155 -6.84 2.47 1.75
N TYR A 156 -5.65 2.99 2.04
CA TYR A 156 -4.58 3.03 1.05
C TYR A 156 -3.26 2.49 1.53
N VAL A 157 -2.52 1.89 0.59
CA VAL A 157 -1.18 1.39 0.85
C VAL A 157 -0.35 2.18 -0.17
N MET A 158 0.64 2.93 0.29
CA MET A 158 1.48 3.70 -0.63
C MET A 158 2.90 3.16 -0.65
N LEU A 159 3.43 2.99 -1.86
CA LEU A 159 4.80 2.48 -2.05
C LEU A 159 5.58 3.47 -2.91
N ALA A 160 6.66 4.02 -2.36
CA ALA A 160 7.53 4.97 -3.07
C ALA A 160 8.86 4.30 -3.32
N CYS A 161 9.38 4.43 -4.54
CA CYS A 161 10.62 3.77 -4.91
C CYS A 161 11.90 4.62 -4.93
N SER A 162 12.88 4.26 -4.11
CA SER A 162 14.14 4.99 -4.09
C SER A 162 15.12 4.20 -4.95
N ARG A 163 14.99 2.88 -4.90
CA ARG A 163 15.88 2.01 -5.63
C ARG A 163 15.09 0.80 -6.13
N ALA A 164 15.14 0.55 -7.45
CA ALA A 164 14.47 -0.61 -8.02
C ALA A 164 15.51 -1.72 -7.93
N ASP A 165 15.13 -2.95 -8.26
CA ASP A 165 16.09 -4.06 -8.21
C ASP A 165 17.04 -3.91 -9.40
N HIS A 166 18.26 -4.44 -9.27
CA HIS A 166 19.27 -4.32 -10.32
C HIS A 166 18.82 -4.53 -11.77
N GLU A 167 18.19 -5.66 -12.04
CA GLU A 167 17.75 -5.93 -13.41
C GLU A 167 16.34 -5.40 -13.67
N ARG A 168 15.76 -4.75 -12.67
CA ARG A 168 14.42 -4.20 -12.78
C ARG A 168 13.41 -5.24 -13.27
N THR A 169 13.44 -6.41 -12.63
CA THR A 169 12.53 -7.48 -12.98
C THR A 169 11.38 -7.63 -11.98
N ALA A 170 11.49 -6.95 -10.84
CA ALA A 170 10.43 -7.01 -9.85
C ALA A 170 9.27 -6.16 -10.36
N ALA A 171 8.10 -6.78 -10.51
CA ALA A 171 6.91 -6.08 -10.97
C ALA A 171 5.84 -6.14 -9.90
N THR A 172 5.28 -4.98 -9.58
CA THR A 172 4.23 -4.87 -8.59
C THR A 172 2.92 -5.07 -9.30
N LEU A 173 2.22 -6.15 -8.95
CA LEU A 173 0.94 -6.47 -9.56
C LEU A 173 -0.24 -5.97 -8.75
N VAL A 174 -1.28 -5.54 -9.45
CA VAL A 174 -2.49 -5.06 -8.83
C VAL A 174 -3.69 -5.56 -9.64
N ALA A 175 -4.71 -6.05 -8.95
CA ALA A 175 -5.92 -6.53 -9.62
C ALA A 175 -7.09 -5.75 -9.01
N SER A 176 -7.85 -5.08 -9.87
CA SER A 176 -8.97 -4.26 -9.41
C SER A 176 -10.35 -4.93 -9.45
N VAL A 177 -11.09 -4.79 -8.36
CA VAL A 177 -12.43 -5.36 -8.24
C VAL A 177 -13.37 -4.86 -9.33
N ARG A 178 -13.17 -3.61 -9.75
CA ARG A 178 -14.01 -3.01 -10.77
C ARG A 178 -13.81 -3.57 -12.17
N LYS A 179 -12.69 -4.24 -12.39
CA LYS A 179 -12.43 -4.84 -13.69
C LYS A 179 -12.74 -6.33 -13.60
N ALA A 180 -12.51 -6.91 -12.43
CA ALA A 180 -12.76 -8.33 -12.22
C ALA A 180 -14.24 -8.68 -11.99
N LEU A 181 -15.00 -7.80 -11.35
CA LEU A 181 -16.40 -8.08 -11.06
C LEU A 181 -17.25 -8.46 -12.28
N PRO A 182 -17.16 -7.67 -13.36
CA PRO A 182 -17.94 -7.95 -14.57
C PRO A 182 -17.76 -9.38 -15.09
N LEU A 183 -16.64 -10.00 -14.72
CA LEU A 183 -16.34 -11.35 -15.17
C LEU A 183 -17.01 -12.46 -14.35
N LEU A 184 -17.55 -12.11 -13.17
CA LEU A 184 -18.23 -13.11 -12.34
C LEU A 184 -19.70 -13.10 -12.74
N ASP A 185 -20.39 -14.22 -12.53
CA ASP A 185 -21.80 -14.25 -12.87
C ASP A 185 -22.63 -13.85 -11.65
N GLU A 186 -23.91 -13.60 -11.87
CA GLU A 186 -24.81 -13.18 -10.81
C GLU A 186 -24.73 -14.05 -9.57
N ARG A 187 -24.79 -15.37 -9.75
CA ARG A 187 -24.74 -16.28 -8.62
C ARG A 187 -23.52 -15.99 -7.75
N THR A 188 -22.34 -16.09 -8.35
CA THR A 188 -21.08 -15.86 -7.64
C THR A 188 -21.01 -14.54 -6.89
N ARG A 189 -21.46 -13.45 -7.50
CA ARG A 189 -21.41 -12.16 -6.82
C ARG A 189 -22.27 -12.19 -5.56
N ALA A 190 -23.51 -12.63 -5.72
CA ALA A 190 -24.45 -12.71 -4.60
C ALA A 190 -23.94 -13.61 -3.48
N ARG A 191 -23.25 -14.68 -3.87
CA ARG A 191 -22.70 -15.61 -2.90
C ARG A 191 -21.54 -14.94 -2.14
N LEU A 192 -20.69 -14.22 -2.88
CA LEU A 192 -19.54 -13.54 -2.28
C LEU A 192 -19.92 -12.34 -1.43
N LEU A 193 -20.73 -11.46 -2.00
CA LEU A 193 -21.17 -10.24 -1.34
C LEU A 193 -21.67 -10.41 0.09
N ASP A 194 -20.95 -9.82 1.04
CA ASP A 194 -21.30 -9.84 2.47
C ASP A 194 -21.14 -11.17 3.18
N ARG A 195 -20.67 -12.19 2.48
CA ARG A 195 -20.48 -13.51 3.08
C ARG A 195 -19.14 -13.63 3.79
N ARG A 196 -19.16 -13.47 5.11
CA ARG A 196 -17.94 -13.57 5.91
C ARG A 196 -17.36 -14.98 5.79
N MET A 197 -16.07 -15.07 5.49
CA MET A 197 -15.42 -16.36 5.36
C MET A 197 -14.15 -16.38 6.18
N PRO A 198 -13.79 -17.54 6.75
CA PRO A 198 -12.59 -17.68 7.56
C PRO A 198 -11.35 -17.14 6.86
N CYS A 199 -10.49 -16.46 7.61
CA CYS A 199 -9.25 -15.91 7.07
C CYS A 199 -8.17 -15.85 8.13
N CYS A 200 -7.02 -16.44 7.83
CA CYS A 200 -5.92 -16.41 8.78
C CYS A 200 -5.34 -15.00 8.72
N VAL A 201 -4.37 -14.72 9.59
CA VAL A 201 -3.77 -13.40 9.61
C VAL A 201 -2.27 -13.53 9.40
N ASP A 202 -1.61 -12.42 9.06
CA ASP A 202 -0.18 -12.43 8.85
C ASP A 202 0.56 -12.73 10.15
N VAL A 203 1.77 -13.26 10.01
CA VAL A 203 2.61 -13.64 11.14
C VAL A 203 2.57 -12.67 12.31
N ALA A 204 2.86 -11.40 12.07
CA ALA A 204 2.88 -10.39 13.13
C ALA A 204 1.62 -10.32 14.01
N PHE A 205 0.46 -10.65 13.43
CA PHE A 205 -0.79 -10.61 14.18
C PHE A 205 -1.23 -11.97 14.76
N ARG A 206 -0.32 -12.94 14.78
CA ARG A 206 -0.65 -14.25 15.31
C ARG A 206 -0.49 -14.34 16.82
N ILE A 215 -11.00 -16.72 14.90
CA ILE A 215 -10.06 -16.15 13.90
C ILE A 215 -10.56 -14.80 13.40
N ALA A 216 -10.77 -14.69 12.09
CA ALA A 216 -11.28 -13.47 11.48
C ALA A 216 -12.23 -13.87 10.36
N GLN A 217 -13.25 -13.06 10.14
CA GLN A 217 -14.22 -13.34 9.09
C GLN A 217 -14.19 -12.22 8.06
N VAL A 218 -13.57 -12.50 6.92
CA VAL A 218 -13.47 -11.51 5.86
C VAL A 218 -14.55 -11.73 4.80
N LYS A 219 -15.11 -10.63 4.31
CA LYS A 219 -16.13 -10.69 3.27
C LYS A 219 -15.42 -10.37 1.96
N PRO A 220 -15.25 -11.37 1.09
CA PRO A 220 -14.57 -11.16 -0.18
C PRO A 220 -15.06 -9.88 -0.84
N LEU A 221 -16.38 -9.70 -0.87
CA LEU A 221 -16.99 -8.49 -1.42
C LEU A 221 -17.94 -7.95 -0.36
N TYR A 222 -18.25 -6.66 -0.43
CA TYR A 222 -19.15 -6.06 0.53
C TYR A 222 -19.42 -4.63 0.09
N GLY A 223 -20.52 -4.07 0.57
CA GLY A 223 -20.87 -2.71 0.20
C GLY A 223 -21.86 -2.70 -0.95
N ASP A 224 -21.96 -1.58 -1.65
CA ASP A 224 -22.87 -1.47 -2.77
C ASP A 224 -22.59 -2.63 -3.72
N ALA A 225 -23.62 -3.38 -4.05
CA ALA A 225 -23.48 -4.53 -4.93
C ALA A 225 -23.14 -4.12 -6.36
N ASP A 226 -23.39 -2.85 -6.69
CA ASP A 226 -23.11 -2.35 -8.02
C ASP A 226 -21.72 -1.74 -8.11
N ASP A 227 -20.98 -1.81 -7.00
CA ASP A 227 -19.63 -1.29 -6.92
C ASP A 227 -19.05 -1.66 -5.56
N PRO A 228 -19.04 -2.98 -5.24
CA PRO A 228 -18.52 -3.48 -3.97
C PRO A 228 -17.02 -3.34 -3.75
N PHE A 229 -16.64 -3.35 -2.47
CA PHE A 229 -15.23 -3.27 -2.10
C PHE A 229 -14.74 -4.70 -2.13
N LEU A 230 -13.42 -4.88 -2.07
CA LEU A 230 -12.82 -6.19 -2.12
C LEU A 230 -11.92 -6.51 -0.93
N GLY A 231 -11.99 -7.76 -0.47
CA GLY A 231 -11.18 -8.25 0.61
C GLY A 231 -10.70 -9.61 0.15
N TYR A 232 -9.49 -9.68 -0.37
CA TYR A 232 -8.97 -10.95 -0.87
C TYR A 232 -7.51 -11.21 -0.55
N ASP A 233 -7.21 -12.45 -0.18
CA ASP A 233 -5.83 -12.82 0.12
C ASP A 233 -5.60 -14.25 -0.36
N ARG A 234 -4.86 -14.38 -1.45
CA ARG A 234 -4.57 -15.70 -2.02
C ARG A 234 -3.57 -16.41 -1.14
N GLU A 235 -3.94 -16.65 0.11
CA GLU A 235 -3.05 -17.32 1.04
C GLU A 235 -3.73 -17.51 2.38
N LEU A 236 -4.36 -16.45 2.88
CA LEU A 236 -5.01 -16.48 4.18
C LEU A 236 -6.54 -16.65 4.14
N LEU A 237 -7.17 -16.41 2.99
CA LEU A 237 -8.61 -16.57 2.90
C LEU A 237 -8.90 -18.07 2.82
N ALA A 238 -9.60 -18.59 3.81
CA ALA A 238 -9.91 -20.02 3.86
C ALA A 238 -11.39 -20.35 3.95
N PRO A 239 -12.08 -20.40 2.79
CA PRO A 239 -13.51 -20.71 2.72
C PRO A 239 -13.83 -22.14 3.14
N GLU A 240 -15.03 -22.34 3.69
CA GLU A 240 -15.47 -23.66 4.16
C GLU A 240 -16.38 -24.38 3.17
N ASP A 241 -17.63 -23.93 3.08
CA ASP A 241 -18.59 -24.52 2.17
C ASP A 241 -18.01 -24.65 0.77
N PRO A 242 -18.30 -25.78 0.09
CA PRO A 242 -17.79 -25.98 -1.26
C PRO A 242 -18.24 -24.82 -2.14
N ALA A 243 -19.50 -24.41 -1.93
CA ALA A 243 -20.07 -23.31 -2.70
C ALA A 243 -19.16 -22.10 -2.53
N ASP A 244 -18.73 -21.88 -1.29
CA ASP A 244 -17.85 -20.78 -0.96
C ASP A 244 -16.53 -20.90 -1.75
N LYS A 245 -15.82 -21.99 -1.53
CA LYS A 245 -14.55 -22.23 -2.22
C LYS A 245 -14.67 -21.98 -3.72
N GLU A 246 -15.79 -22.38 -4.29
CA GLU A 246 -16.05 -22.22 -5.72
C GLU A 246 -16.16 -20.76 -6.13
N ALA A 247 -16.86 -19.97 -5.31
CA ALA A 247 -17.04 -18.55 -5.59
C ALA A 247 -15.73 -17.78 -5.48
N VAL A 248 -14.91 -18.16 -4.50
CA VAL A 248 -13.61 -17.50 -4.30
C VAL A 248 -12.69 -17.82 -5.46
N ALA A 249 -12.66 -19.08 -5.86
CA ALA A 249 -11.82 -19.48 -6.98
C ALA A 249 -12.25 -18.70 -8.21
N ALA A 250 -13.57 -18.52 -8.38
CA ALA A 250 -14.08 -17.77 -9.52
C ALA A 250 -13.58 -16.34 -9.49
N LEU A 251 -13.40 -15.83 -8.27
CA LEU A 251 -12.90 -14.47 -8.04
C LEU A 251 -11.38 -14.43 -8.21
N SER A 252 -10.73 -15.50 -7.77
CA SER A 252 -9.27 -15.59 -7.87
C SER A 252 -8.85 -15.59 -9.32
N LYS A 253 -9.65 -16.26 -10.15
CA LYS A 253 -9.37 -16.36 -11.58
C LYS A 253 -9.67 -15.04 -12.28
N ALA A 254 -10.81 -14.44 -11.93
CA ALA A 254 -11.19 -13.16 -12.52
C ALA A 254 -10.13 -12.10 -12.21
N LEU A 255 -9.57 -12.18 -11.01
CA LEU A 255 -8.54 -11.22 -10.60
C LEU A 255 -7.26 -11.48 -11.39
N ASP A 256 -6.86 -12.74 -11.50
CA ASP A 256 -5.67 -13.06 -12.29
C ASP A 256 -5.88 -12.47 -13.69
N GLU A 257 -7.09 -12.65 -14.22
CA GLU A 257 -7.44 -12.19 -15.54
C GLU A 257 -7.38 -10.69 -15.79
N VAL A 258 -7.47 -9.90 -14.72
CA VAL A 258 -7.43 -8.45 -14.85
C VAL A 258 -6.14 -7.87 -14.27
N THR A 259 -5.20 -8.74 -13.94
CA THR A 259 -3.94 -8.33 -13.36
C THR A 259 -3.23 -7.25 -14.19
N GLU A 260 -2.76 -6.22 -13.49
CA GLU A 260 -2.04 -5.12 -14.12
C GLU A 260 -0.65 -5.09 -13.48
N ALA A 261 0.38 -4.79 -14.27
CA ALA A 261 1.75 -4.77 -13.77
C ALA A 261 2.40 -3.41 -13.79
N VAL A 262 3.00 -3.04 -12.66
CA VAL A 262 3.69 -1.77 -12.50
C VAL A 262 5.14 -2.05 -12.11
N TYR A 263 6.09 -1.51 -12.87
CA TYR A 263 7.49 -1.70 -12.53
C TYR A 263 7.95 -0.42 -11.87
N LEU A 264 8.12 -0.47 -10.56
CA LEU A 264 8.52 0.71 -9.84
C LEU A 264 9.99 1.08 -10.07
N GLU A 265 10.22 2.35 -10.37
CA GLU A 265 11.58 2.87 -10.57
C GLU A 265 11.72 4.12 -9.70
N PRO A 266 12.96 4.49 -9.36
CA PRO A 266 13.17 5.67 -8.52
C PRO A 266 12.24 6.83 -8.92
N GLY A 267 11.66 7.49 -7.91
CA GLY A 267 10.78 8.61 -8.17
C GLY A 267 9.33 8.21 -8.32
N ASP A 268 9.05 6.91 -8.27
CA ASP A 268 7.69 6.41 -8.41
C ASP A 268 6.98 6.28 -7.08
N LEU A 269 5.73 6.73 -7.04
CA LEU A 269 4.94 6.60 -5.82
C LEU A 269 3.60 5.99 -6.22
N LEU A 270 3.39 4.75 -5.81
CA LEU A 270 2.17 4.03 -6.13
C LEU A 270 1.14 4.06 -5.00
N ILE A 271 -0.05 4.52 -5.32
CA ILE A 271 -1.13 4.59 -4.35
C ILE A 271 -2.10 3.45 -4.65
N VAL A 272 -2.11 2.45 -3.80
CA VAL A 272 -2.99 1.29 -3.97
C VAL A 272 -4.29 1.46 -3.18
N ASP A 273 -5.42 1.45 -3.88
CA ASP A 273 -6.72 1.56 -3.20
C ASP A 273 -6.90 0.21 -2.53
N ASN A 274 -6.54 0.15 -1.25
CA ASN A 274 -6.62 -1.10 -0.50
C ASN A 274 -8.01 -1.65 -0.20
N PHE A 275 -9.05 -0.96 -0.68
CA PHE A 275 -10.41 -1.46 -0.46
C PHE A 275 -11.04 -1.96 -1.77
N ARG A 276 -10.33 -1.80 -2.88
CA ARG A 276 -10.86 -2.23 -4.18
C ARG A 276 -9.80 -2.95 -5.00
N THR A 277 -8.70 -3.32 -4.35
CA THR A 277 -7.59 -3.97 -5.04
C THR A 277 -6.94 -5.06 -4.20
N THR A 278 -6.13 -5.87 -4.87
CA THR A 278 -5.35 -6.92 -4.25
C THR A 278 -4.01 -6.77 -4.99
N HIS A 279 -2.89 -6.86 -4.28
CA HIS A 279 -1.60 -6.69 -4.96
C HIS A 279 -0.58 -7.78 -4.68
N ALA A 280 0.50 -7.77 -5.45
CA ALA A 280 1.55 -8.77 -5.32
C ALA A 280 2.87 -8.27 -5.92
N ARG A 281 3.92 -9.07 -5.77
CA ARG A 281 5.21 -8.71 -6.34
C ARG A 281 5.86 -9.94 -6.96
N THR A 282 6.30 -9.81 -8.21
CA THR A 282 6.94 -10.93 -8.90
C THR A 282 8.38 -11.09 -8.42
N PRO A 283 8.99 -12.26 -8.68
CA PRO A 283 10.36 -12.57 -8.28
C PRO A 283 11.47 -11.71 -8.86
N PHE A 284 12.57 -11.63 -8.11
CA PHE A 284 13.76 -10.90 -8.52
C PHE A 284 14.87 -11.40 -7.62
N SER A 285 16.11 -11.33 -8.12
CA SER A 285 17.26 -11.82 -7.37
C SER A 285 18.11 -10.69 -6.80
N PRO A 286 18.19 -10.58 -5.47
CA PRO A 286 18.99 -9.53 -4.85
C PRO A 286 20.49 -9.83 -4.93
N ARG A 287 21.31 -8.80 -4.85
CA ARG A 287 22.75 -9.00 -4.93
C ARG A 287 23.50 -8.80 -3.62
N TRP A 288 22.80 -8.27 -2.61
CA TRP A 288 23.42 -8.05 -1.31
C TRP A 288 24.69 -7.21 -1.48
N ASP A 289 24.59 -6.17 -2.31
CA ASP A 289 25.71 -5.29 -2.60
C ASP A 289 25.47 -3.90 -2.02
N GLY A 290 24.41 -3.75 -1.24
CA GLY A 290 24.12 -2.46 -0.66
C GLY A 290 23.28 -1.58 -1.56
N LYS A 291 22.88 -2.09 -2.72
CA LYS A 291 22.05 -1.33 -3.63
C LYS A 291 20.82 -2.09 -4.12
N ASP A 292 20.38 -3.07 -3.33
CA ASP A 292 19.19 -3.83 -3.69
C ASP A 292 17.95 -2.94 -3.72
N ARG A 293 16.84 -3.51 -4.18
CA ARG A 293 15.57 -2.81 -4.27
C ARG A 293 15.23 -2.18 -2.92
N TRP A 294 14.73 -0.94 -2.96
CA TRP A 294 14.39 -0.24 -1.73
C TRP A 294 13.13 0.60 -1.88
N LEU A 295 12.04 0.13 -1.31
CA LEU A 295 10.79 0.88 -1.38
C LEU A 295 10.47 1.40 0.02
N HIS A 296 9.64 2.44 0.07
CA HIS A 296 9.19 3.05 1.31
C HIS A 296 7.68 2.88 1.35
N ARG A 297 7.16 2.27 2.41
CA ARG A 297 5.73 2.02 2.54
C ARG A 297 5.09 2.70 3.76
N VAL A 298 3.84 3.11 3.58
CA VAL A 298 3.05 3.72 4.63
C VAL A 298 1.60 3.34 4.35
N TYR A 299 0.78 3.32 5.40
CA TYR A 299 -0.63 2.99 5.27
C TYR A 299 -1.41 4.25 5.58
N ILE A 300 -2.45 4.52 4.79
CA ILE A 300 -3.24 5.72 5.00
C ILE A 300 -4.70 5.43 5.35
N ARG A 301 -5.17 6.01 6.44
CA ARG A 301 -6.56 5.83 6.85
C ARG A 301 -7.37 7.04 6.42
N THR A 302 -8.65 6.81 6.15
CA THR A 302 -9.57 7.86 5.72
C THR A 302 -10.91 7.74 6.45
N ASP A 303 -11.82 8.65 6.14
CA ASP A 303 -13.16 8.67 6.75
C ASP A 303 -14.04 7.53 6.23
N ARG A 304 -13.60 6.89 5.16
CA ARG A 304 -14.32 5.80 4.51
C ARG A 304 -14.55 4.58 5.41
N ASN A 305 -15.71 3.93 5.23
CA ASN A 305 -16.10 2.71 5.96
C ASN A 305 -15.62 2.46 7.40
N GLY A 306 -15.80 3.43 8.28
CA GLY A 306 -15.40 3.26 9.68
C GLY A 306 -13.98 2.82 10.04
N GLN A 307 -12.98 3.55 9.56
CA GLN A 307 -11.58 3.24 9.88
C GLN A 307 -11.21 4.17 11.02
N LEU A 308 -12.03 5.19 11.21
CA LEU A 308 -11.79 6.19 12.23
C LEU A 308 -12.97 6.35 13.17
N SER A 309 -12.68 6.55 14.45
CA SER A 309 -13.71 6.73 15.45
C SER A 309 -13.57 8.10 16.11
N GLY A 310 -12.68 8.91 15.59
CA GLY A 310 -12.50 10.25 16.14
C GLY A 310 -11.25 10.44 17.00
N GLY A 311 -10.66 11.62 16.90
CA GLY A 311 -9.47 11.94 17.67
C GLY A 311 -8.18 11.42 17.07
N GLU A 312 -8.28 10.69 15.96
CA GLU A 312 -7.11 10.13 15.31
C GLU A 312 -6.19 11.21 14.73
N ARG A 313 -4.90 10.91 14.68
CA ARG A 313 -3.92 11.83 14.12
C ARG A 313 -2.96 11.02 13.24
N ALA A 314 -2.41 11.67 12.21
CA ALA A 314 -1.46 10.99 11.34
C ALA A 314 -0.23 10.66 12.18
N GLY A 315 0.07 9.39 12.31
CA GLY A 315 1.22 8.97 13.09
C GLY A 315 0.78 8.03 14.20
N ASP A 316 -0.52 7.96 14.42
CA ASP A 316 -1.07 7.08 15.45
C ASP A 316 -0.79 5.62 15.13
N VAL A 317 -0.55 4.83 16.17
CA VAL A 317 -0.31 3.41 15.99
C VAL A 317 -1.52 2.74 16.64
N VAL A 318 -2.15 1.83 15.92
CA VAL A 318 -3.34 1.14 16.41
C VAL A 318 -3.12 -0.34 16.75
N ALA A 319 -3.88 -0.82 17.74
CA ALA A 319 -3.79 -2.22 18.16
C ALA A 319 -4.55 -3.10 17.17
N PHE A 320 -4.41 -4.41 17.32
CA PHE A 320 -5.08 -5.33 16.42
C PHE A 320 -6.41 -5.90 16.92
N THR A 321 -7.41 -5.84 16.05
CA THR A 321 -8.74 -6.36 16.33
C THR A 321 -9.20 -7.05 15.04
N PRO A 322 -9.38 -8.37 15.07
CA PRO A 322 -9.81 -9.08 13.87
C PRO A 322 -11.27 -8.83 13.50
N ARG A 323 -11.54 -8.79 12.21
CA ARG A 323 -12.91 -8.60 11.72
C ARG A 323 -13.66 -9.87 12.07
N GLY A 324 -14.98 -9.79 12.12
CA GLY A 324 -15.78 -10.96 12.44
C GLY A 324 -17.16 -10.65 12.98
N1 PCV B . 2.53 -7.26 6.13
C8 PCV B . 1.65 -7.50 7.19
O1 PCV B . 1.51 -8.40 8.01
C9 PCV B . 0.97 -6.21 6.92
C7 PCV B . 1.94 -6.01 5.80
C1 PCV B . 3.64 -8.05 5.56
C2 PCV B . 3.56 -8.26 4.00
C4 PCV B . 2.12 -8.57 3.46
C5 PCV B . 1.81 -10.10 3.46
N2 PCV B . 1.29 -10.56 2.17
O3 PCV B . 4.01 -7.12 3.34
C3 PCV B . 5.01 -7.49 5.98
O2 PCV B . 5.99 -8.31 6.29
O4 PCV B . 5.22 -6.28 6.05
FE FE2 C . 1.34 -5.71 0.40
C1 AKG D . 3.74 -4.51 0.12
O1 AKG D . 2.58 -4.41 0.53
O2 AKG D . 4.76 -3.81 0.65
C2 AKG D . 4.00 -5.42 -1.00
O5 AKG D . 3.13 -6.21 -1.32
C3 AKG D . 5.31 -5.38 -1.73
C4 AKG D . 5.12 -4.91 -3.19
C5 AKG D . 6.43 -4.62 -3.85
O3 AKG D . 7.49 -5.05 -3.41
O4 AKG D . 6.37 -3.86 -4.94
#